data_8D3A
#
_entry.id   8D3A
#
_cell.length_a   126.726
_cell.length_b   126.726
_cell.length_c   215.816
_cell.angle_alpha   90.000
_cell.angle_beta   90.000
_cell.angle_gamma   120.000
#
_symmetry.space_group_name_H-M   'P 61 2 2'
#
loop_
_entity.id
_entity.type
_entity.pdbx_description
1 polymer 'DH475 Fab heavy chain'
2 polymer 'DH475 Fab light chain'
3 branched alpha-D-mannopyranose-(1-2)-alpha-D-mannopyranose-(1-2)-alpha-D-mannopyranose-(1-3)-[alpha-D-mannopyranose-(1-2)-alpha-D-mannopyranose-(1-3)-[alpha-D-mannopyranose-(1-2)-alpha-D-mannopyranose-(1-6)]alpha-D-mannopyranose-(1-6)]beta-D-mannopyranose-(1-4)-2-acetamido-2-deoxy-beta-D-glucopyranose-(1-4)-2-acetamido-2-deoxy-beta-D-glucopyranose
4 water water
#
loop_
_entity_poly.entity_id
_entity_poly.type
_entity_poly.pdbx_seq_one_letter_code
_entity_poly.pdbx_strand_id
1 'polypeptide(L)'
;EVQLLESGGGLVQPGGSLKLSCAASGFAVNNYPMNWVRQAPGKGLEWVSSIIGSGSRASYADSVKGRFTISRDNGKDIVY
LQMNNLRADDTALYYCVKDSSTAWWDKPAASEFDFWGQGTMVTVSSASTKGPSVFPLAPSSKSTSGGTAALGCLVKDYFP
EPVTVSWNSGALTSGVHTFPAVLQSSGLYSLSSVVTVPSSSLGTQTYICNVNHKPSNTKVDKRVEPKSCDK
;
H
2 'polypeptide(L)'
;QLVLTQSPSASASLGASVKLTCTLNSGNTNFAVAWHQQQAGKGPRYLMTINSDGRQSRGDGIPDRFSGSTSGADRYLTIS
SLHFEDEGDYYCQAWTADLHVFGPGTRVAVVGQPKAAPSVTLFPPSSEELQANKATLVCLISDFYPGAVTVAWKADSSPV
KAGVETTTPSKQSNNKYAASSYLSLTPEQWKSHRSYSCQVTHEGSTVEKTVAPTECS
;
L
#
loop_
_chem_comp.id
_chem_comp.type
_chem_comp.name
_chem_comp.formula
BMA D-saccharide, beta linking beta-D-mannopyranose 'C6 H12 O6'
MAN D-saccharide, alpha linking alpha-D-mannopyranose 'C6 H12 O6'
NAG D-saccharide, beta linking 2-acetamido-2-deoxy-beta-D-glucopyranose 'C8 H15 N O6'
#
# COMPACT_ATOMS: atom_id res chain seq x y z
N GLU A 1 12.05 15.86 -13.59
CA GLU A 1 10.75 15.48 -14.15
C GLU A 1 10.79 14.09 -14.76
N VAL A 2 11.70 13.24 -14.27
CA VAL A 2 11.73 11.84 -14.67
C VAL A 2 10.41 11.19 -14.27
N GLN A 3 9.78 10.50 -15.22
CA GLN A 3 8.52 9.86 -14.93
C GLN A 3 8.44 8.52 -15.65
N LEU A 4 8.01 7.50 -14.92
CA LEU A 4 7.73 6.18 -15.47
C LEU A 4 6.26 5.89 -15.20
N LEU A 5 5.45 5.92 -16.26
CA LEU A 5 4.00 5.77 -16.14
C LEU A 5 3.62 4.39 -16.66
N GLU A 6 3.30 3.48 -15.74
CA GLU A 6 2.96 2.12 -16.08
C GLU A 6 1.46 1.93 -16.15
N SER A 7 1.02 1.02 -17.02
CA SER A 7 -0.39 0.76 -17.23
C SER A 7 -0.54 -0.66 -17.77
N GLY A 8 -1.79 -1.12 -17.81
CA GLY A 8 -2.10 -2.45 -18.31
C GLY A 8 -2.40 -3.48 -17.24
N GLY A 9 -2.30 -3.13 -15.96
CA GLY A 9 -2.65 -4.05 -14.91
C GLY A 9 -4.14 -4.24 -14.79
N GLY A 10 -4.53 -5.35 -14.18
CA GLY A 10 -5.94 -5.63 -14.00
C GLY A 10 -6.16 -7.03 -13.46
N LEU A 11 -7.36 -7.55 -13.69
CA LEU A 11 -7.75 -8.88 -13.25
C LEU A 11 -7.60 -9.84 -14.42
N VAL A 12 -6.77 -10.87 -14.25
CA VAL A 12 -6.53 -11.86 -15.28
C VAL A 12 -6.63 -13.25 -14.67
N GLN A 13 -6.95 -14.22 -15.50
CA GLN A 13 -7.27 -15.60 -15.13
C GLN A 13 -6.00 -16.44 -15.08
N PRO A 14 -5.92 -17.40 -14.15
CA PRO A 14 -4.76 -18.30 -14.12
C PRO A 14 -4.57 -18.99 -15.45
N GLY A 15 -3.46 -18.69 -16.12
CA GLY A 15 -3.20 -19.19 -17.45
C GLY A 15 -3.37 -18.15 -18.55
N GLY A 16 -3.94 -17.00 -18.23
CA GLY A 16 -4.12 -15.94 -19.21
C GLY A 16 -2.84 -15.17 -19.45
N SER A 17 -2.98 -14.10 -20.23
CA SER A 17 -1.84 -13.27 -20.61
C SER A 17 -2.19 -11.80 -20.40
N LEU A 18 -1.16 -10.95 -20.45
CA LEU A 18 -1.32 -9.54 -20.12
C LEU A 18 -0.08 -8.78 -20.58
N LYS A 19 -0.28 -7.59 -21.14
CA LYS A 19 0.81 -6.79 -21.69
C LYS A 19 0.89 -5.47 -20.92
N LEU A 20 1.99 -5.30 -20.19
CA LEU A 20 2.20 -4.08 -19.43
C LEU A 20 2.96 -3.05 -20.27
N SER A 21 2.70 -1.77 -19.99
CA SER A 21 3.31 -0.68 -20.73
C SER A 21 3.88 0.33 -19.75
N CYS A 22 5.08 0.84 -20.03
CA CYS A 22 5.71 1.87 -19.20
C CYS A 22 6.08 3.04 -20.08
N ALA A 23 5.42 4.18 -19.88
CA ALA A 23 5.72 5.41 -20.61
C ALA A 23 6.81 6.16 -19.86
N ALA A 24 7.99 6.26 -20.45
CA ALA A 24 9.16 6.83 -19.79
C ALA A 24 9.50 8.17 -20.43
N SER A 25 9.71 9.18 -19.59
CA SER A 25 9.99 10.52 -20.05
C SER A 25 10.93 11.21 -19.07
N GLY A 26 11.44 12.37 -19.48
CA GLY A 26 12.29 13.17 -18.64
C GLY A 26 13.77 12.88 -18.76
N PHE A 27 14.18 12.01 -19.68
CA PHE A 27 15.57 11.62 -19.86
C PHE A 27 15.69 10.82 -21.15
N ALA A 28 16.90 10.80 -21.70
CA ALA A 28 17.21 9.97 -22.88
C ALA A 28 17.05 8.52 -22.49
N VAL A 29 15.90 7.93 -22.84
CA VAL A 29 15.53 6.64 -22.28
C VAL A 29 16.42 5.54 -22.83
N ASN A 30 16.71 5.57 -24.12
CA ASN A 30 17.52 4.50 -24.69
C ASN A 30 18.97 4.56 -24.25
N ASN A 31 19.38 5.62 -23.56
CA ASN A 31 20.70 5.61 -22.93
C ASN A 31 20.77 4.63 -21.77
N TYR A 32 19.63 4.16 -21.26
CA TYR A 32 19.61 3.41 -20.02
C TYR A 32 18.85 2.11 -20.20
N PRO A 33 19.29 1.03 -19.54
CA PRO A 33 18.48 -0.19 -19.52
C PRO A 33 17.30 -0.05 -18.57
N MET A 34 16.18 -0.65 -18.95
CA MET A 34 14.95 -0.58 -18.17
C MET A 34 14.66 -1.93 -17.51
N ASN A 35 13.84 -1.88 -16.47
CA ASN A 35 13.62 -3.07 -15.66
C ASN A 35 12.18 -3.14 -15.19
N TRP A 36 11.80 -4.33 -14.72
CA TRP A 36 10.52 -4.57 -14.06
C TRP A 36 10.79 -5.23 -12.71
N VAL A 37 10.18 -4.69 -11.66
CA VAL A 37 10.31 -5.24 -10.31
C VAL A 37 8.91 -5.39 -9.73
N ARG A 38 8.61 -6.58 -9.18
CA ARG A 38 7.29 -6.86 -8.66
C ARG A 38 7.34 -7.05 -7.15
N GLN A 39 6.19 -6.87 -6.52
CA GLN A 39 6.08 -7.05 -5.08
C GLN A 39 4.71 -7.64 -4.77
N ALA A 40 4.71 -8.83 -4.16
CA ALA A 40 3.47 -9.39 -3.63
C ALA A 40 2.90 -8.48 -2.55
N PRO A 41 1.59 -8.57 -2.28
CA PRO A 41 0.96 -7.63 -1.33
C PRO A 41 1.65 -7.54 0.02
N GLY A 42 1.97 -8.67 0.65
CA GLY A 42 2.60 -8.64 1.95
C GLY A 42 4.01 -9.18 1.97
N LYS A 43 4.71 -9.10 0.84
CA LYS A 43 6.05 -9.68 0.74
C LYS A 43 7.05 -8.67 0.17
N GLY A 44 8.25 -9.14 -0.19
CA GLY A 44 9.34 -8.26 -0.55
C GLY A 44 9.49 -8.03 -2.05
N LEU A 45 10.48 -7.21 -2.39
CA LEU A 45 10.74 -6.88 -3.78
C LEU A 45 11.37 -8.06 -4.50
N GLU A 46 11.04 -8.22 -5.78
CA GLU A 46 11.60 -9.29 -6.60
C GLU A 46 11.83 -8.77 -8.01
N TRP A 47 13.07 -8.87 -8.48
CA TRP A 47 13.39 -8.49 -9.85
C TRP A 47 12.72 -9.46 -10.82
N VAL A 48 12.27 -8.94 -11.96
CA VAL A 48 11.53 -9.75 -12.91
C VAL A 48 12.28 -9.80 -14.23
N SER A 49 12.53 -8.65 -14.81
CA SER A 49 13.12 -8.61 -16.13
C SER A 49 13.80 -7.27 -16.36
N SER A 50 14.72 -7.26 -17.33
CA SER A 50 15.49 -6.08 -17.68
C SER A 50 15.81 -6.12 -19.17
N ILE A 51 15.95 -4.94 -19.77
CA ILE A 51 16.26 -4.83 -21.19
C ILE A 51 17.19 -3.64 -21.39
N ILE A 52 18.26 -3.84 -22.15
CA ILE A 52 19.25 -2.77 -22.33
C ILE A 52 18.67 -1.75 -23.29
N GLY A 53 19.35 -0.61 -23.43
CA GLY A 53 18.78 0.50 -24.17
C GLY A 53 18.51 0.19 -25.63
N SER A 54 19.39 -0.59 -26.26
CA SER A 54 19.19 -0.90 -27.67
C SER A 54 17.98 -1.77 -27.88
N GLY A 55 17.61 -2.55 -26.86
CA GLY A 55 16.48 -3.45 -26.91
C GLY A 55 16.79 -4.83 -27.46
N SER A 56 18.05 -5.09 -27.83
CA SER A 56 18.41 -6.37 -28.43
C SER A 56 18.79 -7.43 -27.40
N ARG A 57 19.19 -7.02 -26.20
CA ARG A 57 19.52 -7.95 -25.13
C ARG A 57 18.58 -7.76 -23.96
N ALA A 58 18.30 -8.85 -23.26
CA ALA A 58 17.36 -8.84 -22.15
C ALA A 58 17.72 -9.93 -21.16
N SER A 59 17.19 -9.79 -19.94
CA SER A 59 17.49 -10.68 -18.84
C SER A 59 16.22 -10.93 -18.03
N TYR A 60 16.02 -12.16 -17.59
CA TYR A 60 14.85 -12.55 -16.82
C TYR A 60 15.27 -13.31 -15.58
N ALA A 61 14.37 -13.33 -14.58
CA ALA A 61 14.50 -14.18 -13.42
C ALA A 61 13.99 -15.58 -13.72
N ASP A 62 14.59 -16.58 -13.07
CA ASP A 62 14.27 -17.96 -13.37
C ASP A 62 12.79 -18.26 -13.15
N SER A 63 12.13 -17.54 -12.24
CA SER A 63 10.73 -17.80 -11.97
C SER A 63 9.80 -17.27 -13.06
N VAL A 64 10.31 -16.51 -14.04
CA VAL A 64 9.49 -15.99 -15.12
C VAL A 64 10.07 -16.28 -16.50
N LYS A 65 11.18 -17.01 -16.58
CA LYS A 65 11.86 -17.20 -17.85
C LYS A 65 10.95 -17.90 -18.85
N GLY A 66 11.10 -17.53 -20.13
CA GLY A 66 10.32 -18.14 -21.19
C GLY A 66 8.83 -17.87 -21.14
N ARG A 67 8.32 -17.48 -19.97
CA ARG A 67 6.93 -17.11 -19.73
C ARG A 67 6.65 -15.63 -19.94
N PHE A 68 7.54 -14.75 -19.48
CA PHE A 68 7.44 -13.32 -19.71
C PHE A 68 8.36 -12.92 -20.86
N THR A 69 8.12 -11.73 -21.40
CA THR A 69 8.94 -11.19 -22.47
C THR A 69 9.00 -9.68 -22.34
N ILE A 70 10.17 -9.16 -22.03
CA ILE A 70 10.37 -7.71 -21.95
C ILE A 70 10.69 -7.21 -23.35
N SER A 71 10.08 -6.07 -23.68
CA SER A 71 10.28 -5.45 -24.98
C SER A 71 10.47 -3.95 -24.76
N ARG A 72 10.79 -3.26 -25.86
CA ARG A 72 11.12 -1.86 -25.77
C ARG A 72 10.92 -1.22 -27.14
N ASP A 73 10.34 -0.02 -27.14
CA ASP A 73 10.14 0.76 -28.36
C ASP A 73 10.73 2.15 -28.14
N ASN A 74 11.82 2.46 -28.82
CA ASN A 74 12.56 3.70 -28.59
C ASN A 74 12.05 4.86 -29.42
N GLY A 75 11.28 4.61 -30.49
CA GLY A 75 10.59 5.69 -31.16
C GLY A 75 9.47 6.28 -30.32
N LYS A 76 8.97 5.54 -29.34
CA LYS A 76 7.94 6.01 -28.43
C LYS A 76 8.36 5.96 -26.98
N ASP A 77 9.55 5.43 -26.69
CA ASP A 77 10.09 5.35 -25.33
C ASP A 77 9.10 4.69 -24.38
N ILE A 78 8.59 3.53 -24.79
CA ILE A 78 7.69 2.72 -23.99
C ILE A 78 8.35 1.36 -23.78
N VAL A 79 8.41 0.93 -22.54
CA VAL A 79 8.90 -0.40 -22.18
C VAL A 79 7.70 -1.31 -21.98
N TYR A 80 7.78 -2.51 -22.53
CA TYR A 80 6.69 -3.46 -22.46
C TYR A 80 7.11 -4.68 -21.67
N LEU A 81 6.13 -5.34 -21.05
CA LEU A 81 6.34 -6.64 -20.41
C LEU A 81 5.15 -7.51 -20.76
N GLN A 82 5.36 -8.48 -21.65
CA GLN A 82 4.31 -9.42 -22.03
C GLN A 82 4.39 -10.63 -21.11
N MET A 83 3.32 -10.88 -20.36
CA MET A 83 3.24 -12.01 -19.45
C MET A 83 2.27 -13.04 -20.01
N ASN A 84 2.75 -14.26 -20.22
CA ASN A 84 1.91 -15.37 -20.62
C ASN A 84 1.88 -16.42 -19.52
N ASN A 85 0.86 -17.28 -19.58
CA ASN A 85 0.73 -18.42 -18.67
C ASN A 85 0.86 -17.98 -17.21
N LEU A 86 0.06 -16.98 -16.83
CA LEU A 86 0.14 -16.41 -15.50
C LEU A 86 -0.52 -17.31 -14.48
N ARG A 87 -0.19 -17.08 -13.22
CA ARG A 87 -0.67 -17.93 -12.13
C ARG A 87 -0.55 -17.14 -10.84
N ALA A 88 -1.16 -17.68 -9.79
CA ALA A 88 -1.34 -16.98 -8.51
C ALA A 88 -0.08 -16.30 -8.01
N ASP A 89 1.06 -16.98 -8.13
CA ASP A 89 2.31 -16.41 -7.61
C ASP A 89 2.70 -15.12 -8.30
N ASP A 90 2.11 -14.83 -9.46
CA ASP A 90 2.47 -13.62 -10.20
C ASP A 90 1.64 -12.40 -9.83
N THR A 91 0.57 -12.56 -9.05
CA THR A 91 -0.23 -11.41 -8.67
C THR A 91 0.62 -10.46 -7.83
N ALA A 92 0.68 -9.20 -8.23
CA ALA A 92 1.62 -8.29 -7.59
C ALA A 92 1.43 -6.88 -8.17
N LEU A 93 2.01 -5.94 -7.46
CA LEU A 93 2.24 -4.61 -8.00
C LEU A 93 3.58 -4.64 -8.75
N TYR A 94 3.56 -4.32 -10.04
CA TYR A 94 4.73 -4.37 -10.88
C TYR A 94 5.27 -2.95 -11.08
N TYR A 95 6.52 -2.76 -10.69
CA TYR A 95 7.22 -1.49 -10.88
C TYR A 95 8.02 -1.53 -12.16
N CYS A 96 8.06 -0.40 -12.85
CA CYS A 96 8.96 -0.15 -13.95
C CYS A 96 10.04 0.79 -13.45
N VAL A 97 11.30 0.34 -13.45
CA VAL A 97 12.37 1.10 -12.84
C VAL A 97 13.49 1.34 -13.85
N LYS A 98 14.32 2.34 -13.56
CA LYS A 98 15.36 2.81 -14.46
C LYS A 98 16.74 2.55 -13.85
N ASP A 99 17.67 2.09 -14.68
CA ASP A 99 19.07 1.98 -14.28
C ASP A 99 19.71 3.37 -14.22
N SER A 100 20.63 3.54 -13.27
CA SER A 100 21.25 4.85 -13.09
C SER A 100 22.34 5.11 -14.13
N SER A 101 23.07 4.07 -14.53
CA SER A 101 24.23 4.21 -15.37
C SER A 101 23.91 3.84 -16.81
N THR A 102 24.44 4.62 -17.75
CA THR A 102 24.40 4.29 -19.16
C THR A 102 25.54 3.33 -19.48
N ALA A 103 25.67 2.95 -20.74
CA ALA A 103 26.71 2.01 -21.12
C ALA A 103 26.94 2.09 -22.61
N TRP A 104 27.80 1.20 -23.12
CA TRP A 104 28.07 1.13 -24.55
C TRP A 104 26.84 0.62 -25.29
N TRP A 105 26.62 1.15 -26.49
CA TRP A 105 25.44 0.80 -27.27
C TRP A 105 25.45 -0.68 -27.62
N ASP A 106 24.30 -1.33 -27.45
CA ASP A 106 24.03 -2.72 -27.84
C ASP A 106 24.80 -3.75 -27.01
N LYS A 107 25.56 -3.33 -26.00
CA LYS A 107 26.33 -4.24 -25.17
C LYS A 107 25.66 -4.44 -23.82
N PRO A 108 25.94 -5.55 -23.13
CA PRO A 108 25.27 -5.83 -21.86
C PRO A 108 25.58 -4.77 -20.80
N ALA A 109 24.63 -4.55 -19.92
CA ALA A 109 24.76 -3.52 -18.90
C ALA A 109 23.72 -3.73 -17.81
N ALA A 110 24.09 -3.31 -16.59
CA ALA A 110 23.17 -3.27 -15.46
C ALA A 110 23.82 -2.47 -14.34
N SER A 111 23.02 -1.70 -13.61
CA SER A 111 23.50 -0.92 -12.48
C SER A 111 22.37 -0.80 -11.46
N GLU A 112 22.61 -0.01 -10.42
CA GLU A 112 21.59 0.25 -9.42
C GLU A 112 20.39 0.94 -10.04
N PHE A 113 19.20 0.64 -9.50
CA PHE A 113 17.98 1.32 -9.90
C PHE A 113 17.95 2.69 -9.24
N ASP A 114 17.82 3.75 -10.03
CA ASP A 114 17.85 5.10 -9.48
C ASP A 114 16.47 5.75 -9.39
N PHE A 115 15.47 5.20 -10.06
CA PHE A 115 14.14 5.77 -10.02
C PHE A 115 13.12 4.66 -10.21
N TRP A 116 12.02 4.75 -9.48
CA TRP A 116 10.93 3.78 -9.51
C TRP A 116 9.64 4.47 -9.94
N GLY A 117 8.84 3.74 -10.70
CA GLY A 117 7.46 4.15 -10.91
C GLY A 117 6.61 3.85 -9.68
N GLN A 118 5.34 4.25 -9.77
CA GLN A 118 4.40 3.94 -8.70
C GLN A 118 3.81 2.54 -8.81
N GLY A 119 3.96 1.89 -9.97
CA GLY A 119 3.56 0.52 -10.15
C GLY A 119 2.18 0.40 -10.80
N THR A 120 1.93 -0.75 -11.42
CA THR A 120 0.61 -1.10 -11.90
C THR A 120 0.25 -2.46 -11.34
N MET A 121 -1.00 -2.63 -10.95
CA MET A 121 -1.42 -3.77 -10.15
C MET A 121 -2.02 -4.84 -11.06
N VAL A 122 -1.40 -6.02 -11.09
CA VAL A 122 -1.97 -7.17 -11.78
C VAL A 122 -2.45 -8.15 -10.71
N THR A 123 -3.66 -8.64 -10.88
CA THR A 123 -4.30 -9.56 -9.93
C THR A 123 -4.73 -10.79 -10.71
N VAL A 124 -4.03 -11.89 -10.53
CA VAL A 124 -4.32 -13.12 -11.27
C VAL A 124 -5.10 -14.04 -10.34
N SER A 125 -6.40 -14.17 -10.62
CA SER A 125 -7.30 -14.98 -9.79
C SER A 125 -8.45 -15.45 -10.65
N SER A 126 -8.89 -16.68 -10.41
CA SER A 126 -10.05 -17.20 -11.13
C SER A 126 -11.34 -16.48 -10.75
N ALA A 127 -11.37 -15.80 -9.61
CA ALA A 127 -12.52 -14.98 -9.25
C ALA A 127 -12.71 -13.85 -10.26
N SER A 128 -13.95 -13.43 -10.43
CA SER A 128 -14.27 -12.36 -11.37
C SER A 128 -14.48 -11.05 -10.65
N THR A 129 -14.66 -9.99 -11.43
CA THR A 129 -14.89 -8.67 -10.88
C THR A 129 -16.28 -8.58 -10.26
N LYS A 130 -16.45 -7.60 -9.39
CA LYS A 130 -17.77 -7.18 -8.96
C LYS A 130 -17.72 -5.72 -8.55
N GLY A 131 -18.65 -4.92 -9.07
CA GLY A 131 -18.81 -3.56 -8.63
C GLY A 131 -19.41 -3.51 -7.24
N PRO A 132 -18.89 -2.63 -6.39
CA PRO A 132 -19.35 -2.59 -5.00
C PRO A 132 -20.74 -1.96 -4.88
N SER A 133 -21.38 -2.26 -3.76
CA SER A 133 -22.54 -1.48 -3.32
C SER A 133 -22.05 -0.28 -2.53
N VAL A 134 -22.86 0.77 -2.49
CA VAL A 134 -22.50 2.01 -1.79
C VAL A 134 -23.65 2.42 -0.90
N PHE A 135 -23.34 2.78 0.35
CA PHE A 135 -24.34 3.17 1.32
C PHE A 135 -23.87 4.39 2.09
N PRO A 136 -24.79 5.26 2.50
CA PRO A 136 -24.41 6.44 3.29
C PRO A 136 -24.33 6.13 4.78
N LEU A 137 -23.23 6.53 5.42
CA LEU A 137 -23.08 6.42 6.86
C LEU A 137 -23.45 7.78 7.42
N ALA A 138 -24.72 7.92 7.80
CA ALA A 138 -25.30 9.20 8.17
C ALA A 138 -24.76 9.71 9.51
N PRO A 139 -24.79 11.02 9.73
CA PRO A 139 -24.46 11.56 11.05
C PRO A 139 -25.43 11.03 12.10
N SER A 140 -24.89 10.71 13.28
CA SER A 140 -25.72 10.16 14.34
C SER A 140 -26.77 11.18 14.76
N SER A 141 -27.85 10.67 15.35
CA SER A 141 -28.89 11.54 15.89
C SER A 141 -28.39 12.42 17.02
N LYS A 142 -27.17 12.19 17.52
CA LYS A 142 -26.62 12.96 18.63
C LYS A 142 -25.60 13.98 18.12
N SER A 143 -26.06 14.87 17.25
CA SER A 143 -25.19 15.85 16.59
C SER A 143 -25.72 17.24 16.93
N THR A 144 -25.27 17.77 18.05
CA THR A 144 -25.65 19.12 18.46
C THR A 144 -24.85 20.17 17.68
N SER A 145 -25.55 21.18 17.19
CA SER A 145 -24.89 22.26 16.45
C SER A 145 -23.79 22.91 17.29
N GLY A 146 -22.65 23.16 16.66
CA GLY A 146 -21.49 23.65 17.35
C GLY A 146 -20.60 22.50 17.80
N GLY A 147 -20.24 21.63 16.89
CA GLY A 147 -19.38 20.52 17.22
C GLY A 147 -18.91 19.84 15.96
N THR A 148 -18.44 18.60 16.11
CA THR A 148 -18.05 17.78 14.97
C THR A 148 -19.00 16.60 14.84
N ALA A 149 -19.50 16.37 13.64
CA ALA A 149 -20.26 15.17 13.30
C ALA A 149 -19.52 14.40 12.22
N ALA A 150 -19.49 13.08 12.34
CA ALA A 150 -18.81 12.23 11.38
C ALA A 150 -19.81 11.61 10.42
N LEU A 151 -19.57 11.75 9.12
CA LEU A 151 -20.39 11.08 8.12
C LEU A 151 -19.49 10.41 7.09
N GLY A 152 -20.04 9.51 6.30
CA GLY A 152 -19.18 8.84 5.37
C GLY A 152 -19.92 7.98 4.37
N CYS A 153 -19.15 7.11 3.71
CA CYS A 153 -19.67 6.24 2.68
C CYS A 153 -19.08 4.85 2.86
N LEU A 154 -19.92 3.83 2.78
CA LEU A 154 -19.51 2.43 2.88
C LEU A 154 -19.59 1.79 1.51
N VAL A 155 -18.45 1.33 1.00
CA VAL A 155 -18.40 0.59 -0.26
C VAL A 155 -18.16 -0.87 0.07
N LYS A 156 -19.16 -1.70 -0.22
CA LYS A 156 -19.20 -3.08 0.25
C LYS A 156 -19.12 -4.05 -0.91
N ASP A 157 -18.35 -5.12 -0.70
CA ASP A 157 -18.24 -6.25 -1.62
C ASP A 157 -17.78 -5.82 -3.01
N TYR A 158 -16.48 -5.67 -3.21
CA TYR A 158 -15.93 -5.38 -4.53
C TYR A 158 -14.67 -6.20 -4.75
N PHE A 159 -14.46 -6.58 -6.00
CA PHE A 159 -13.26 -7.28 -6.42
C PHE A 159 -12.91 -6.82 -7.81
N PRO A 160 -11.63 -6.51 -8.07
CA PRO A 160 -10.59 -6.52 -7.05
C PRO A 160 -10.29 -5.13 -6.52
N GLU A 161 -9.23 -5.05 -5.70
CA GLU A 161 -8.75 -3.79 -5.18
C GLU A 161 -8.24 -2.92 -6.34
N PRO A 162 -8.36 -1.58 -6.24
CA PRO A 162 -9.00 -0.75 -5.22
C PRO A 162 -10.15 0.13 -5.70
N VAL A 163 -10.71 0.91 -4.77
CA VAL A 163 -11.74 1.90 -5.05
C VAL A 163 -11.22 3.27 -4.61
N THR A 164 -11.43 4.28 -5.45
CA THR A 164 -11.05 5.65 -5.14
C THR A 164 -12.29 6.45 -4.74
N VAL A 165 -12.15 7.23 -3.67
CA VAL A 165 -13.27 7.97 -3.09
C VAL A 165 -12.88 9.44 -2.95
N SER A 166 -13.72 10.31 -3.49
CA SER A 166 -13.62 11.75 -3.29
C SER A 166 -14.95 12.26 -2.75
N TRP A 167 -14.96 13.52 -2.31
CA TRP A 167 -16.13 14.12 -1.69
C TRP A 167 -16.48 15.42 -2.39
N ASN A 168 -17.76 15.58 -2.73
CA ASN A 168 -18.28 16.75 -3.44
C ASN A 168 -17.46 17.05 -4.69
N SER A 169 -17.23 15.99 -5.47
CA SER A 169 -16.46 16.04 -6.71
C SER A 169 -15.05 16.57 -6.52
N GLY A 170 -14.47 16.40 -5.32
CA GLY A 170 -13.11 16.82 -5.07
C GLY A 170 -12.95 18.15 -4.34
N ALA A 171 -14.03 18.87 -4.07
CA ALA A 171 -13.95 20.17 -3.41
C ALA A 171 -13.84 20.08 -1.89
N LEU A 172 -13.92 18.88 -1.31
CA LEU A 172 -13.86 18.67 0.13
C LEU A 172 -12.71 17.70 0.44
N THR A 173 -11.57 18.24 0.86
CA THR A 173 -10.42 17.44 1.26
C THR A 173 -10.07 17.62 2.73
N SER A 174 -10.79 18.47 3.44
CA SER A 174 -10.48 18.81 4.82
C SER A 174 -11.15 17.80 5.76
N GLY A 175 -10.32 17.07 6.52
CA GLY A 175 -10.83 16.11 7.48
C GLY A 175 -11.35 14.83 6.87
N VAL A 176 -10.99 14.53 5.62
CA VAL A 176 -11.37 13.28 4.97
C VAL A 176 -10.33 12.23 5.29
N HIS A 177 -10.80 11.02 5.61
CA HIS A 177 -9.96 9.87 5.86
C HIS A 177 -10.60 8.66 5.20
N THR A 178 -9.90 8.08 4.24
CA THR A 178 -10.36 6.87 3.57
C THR A 178 -9.59 5.68 4.10
N PHE A 179 -10.31 4.64 4.49
CA PHE A 179 -9.58 3.60 5.21
C PHE A 179 -9.11 2.50 4.26
N PRO A 180 -7.97 1.89 4.57
CA PRO A 180 -7.59 0.67 3.86
C PRO A 180 -8.67 -0.40 3.98
N ALA A 181 -8.95 -1.08 2.87
CA ALA A 181 -10.06 -2.01 2.80
C ALA A 181 -9.77 -3.29 3.58
N VAL A 182 -10.82 -3.85 4.15
CA VAL A 182 -10.75 -5.16 4.77
C VAL A 182 -11.06 -6.21 3.71
N LEU A 183 -10.40 -7.36 3.82
CA LEU A 183 -10.59 -8.48 2.90
C LEU A 183 -11.46 -9.51 3.60
N GLN A 184 -12.75 -9.52 3.29
CA GLN A 184 -13.71 -10.37 3.98
C GLN A 184 -13.45 -11.84 3.66
N SER A 185 -13.95 -12.71 4.53
CA SER A 185 -13.78 -14.15 4.37
C SER A 185 -14.46 -14.70 3.12
N SER A 186 -15.33 -13.91 2.48
CA SER A 186 -15.94 -14.30 1.22
C SER A 186 -15.04 -14.01 0.02
N GLY A 187 -13.88 -13.41 0.24
CA GLY A 187 -12.95 -13.05 -0.80
C GLY A 187 -13.12 -11.66 -1.36
N LEU A 188 -14.20 -10.96 -1.00
CA LEU A 188 -14.48 -9.63 -1.49
C LEU A 188 -13.98 -8.57 -0.52
N TYR A 189 -13.64 -7.40 -1.06
CA TYR A 189 -13.13 -6.30 -0.29
C TYR A 189 -14.26 -5.38 0.17
N SER A 190 -13.99 -4.60 1.20
CA SER A 190 -14.88 -3.55 1.67
C SER A 190 -14.07 -2.49 2.37
N LEU A 191 -14.36 -1.23 2.07
CA LEU A 191 -13.80 -0.11 2.81
C LEU A 191 -14.88 0.92 3.02
N SER A 192 -14.55 1.94 3.81
CA SER A 192 -15.42 3.09 4.00
C SER A 192 -14.55 4.34 4.14
N SER A 193 -15.08 5.47 3.67
CA SER A 193 -14.41 6.76 3.78
C SER A 193 -15.28 7.69 4.60
N VAL A 194 -14.65 8.43 5.51
CA VAL A 194 -15.35 9.24 6.50
C VAL A 194 -14.76 10.64 6.51
N VAL A 195 -15.63 11.65 6.55
CA VAL A 195 -15.20 13.02 6.81
C VAL A 195 -15.97 13.54 8.01
N THR A 196 -15.27 14.25 8.89
CA THR A 196 -15.85 14.90 10.05
C THR A 196 -16.03 16.38 9.76
N VAL A 197 -17.22 16.89 10.00
CA VAL A 197 -17.61 18.22 9.55
C VAL A 197 -18.24 18.98 10.71
N PRO A 198 -18.28 20.30 10.64
CA PRO A 198 -19.02 21.08 11.65
C PRO A 198 -20.47 20.63 11.72
N SER A 199 -20.97 20.44 12.95
CA SER A 199 -22.29 19.88 13.14
C SER A 199 -23.37 20.78 12.53
N SER A 200 -23.28 22.08 12.78
CA SER A 200 -24.27 23.00 12.25
C SER A 200 -24.21 23.14 10.74
N SER A 201 -23.16 22.65 10.09
CA SER A 201 -23.11 22.66 8.64
C SER A 201 -24.04 21.60 8.03
N LEU A 202 -24.47 20.62 8.82
CA LEU A 202 -25.47 19.67 8.35
C LEU A 202 -26.79 20.39 8.14
N GLY A 203 -27.44 20.14 7.00
CA GLY A 203 -28.63 20.86 6.62
C GLY A 203 -28.38 22.12 5.81
N THR A 204 -27.19 22.72 5.91
CA THR A 204 -26.79 23.84 5.08
C THR A 204 -25.96 23.41 3.88
N GLN A 205 -25.07 22.43 4.07
CA GLN A 205 -24.24 21.91 3.00
C GLN A 205 -24.55 20.44 2.77
N THR A 206 -24.76 20.07 1.51
CA THR A 206 -24.99 18.68 1.13
C THR A 206 -23.64 18.01 0.87
N TYR A 207 -23.47 16.83 1.43
CA TYR A 207 -22.23 16.07 1.29
C TYR A 207 -22.49 14.90 0.36
N ILE A 208 -21.70 14.83 -0.72
CA ILE A 208 -21.81 13.78 -1.71
C ILE A 208 -20.45 13.11 -1.85
N CYS A 209 -20.43 11.78 -1.80
CA CYS A 209 -19.22 11.01 -2.00
C CYS A 209 -19.24 10.37 -3.38
N ASN A 210 -18.08 10.39 -4.03
CA ASN A 210 -17.87 9.90 -5.39
C ASN A 210 -16.90 8.72 -5.31
N VAL A 211 -17.41 7.52 -5.56
CA VAL A 211 -16.61 6.31 -5.53
C VAL A 211 -16.44 5.80 -6.95
N ASN A 212 -15.25 5.28 -7.23
CA ASN A 212 -14.89 4.81 -8.56
C ASN A 212 -14.19 3.46 -8.42
N HIS A 213 -14.73 2.44 -9.08
CA HIS A 213 -14.11 1.12 -9.14
C HIS A 213 -13.80 0.87 -10.61
N LYS A 214 -12.62 1.33 -11.05
CA LYS A 214 -12.18 1.12 -12.43
C LYS A 214 -12.29 -0.32 -12.91
N PRO A 215 -11.97 -1.36 -12.13
CA PRO A 215 -12.05 -2.72 -12.66
C PRO A 215 -13.44 -3.14 -13.11
N SER A 216 -14.50 -2.42 -12.71
CA SER A 216 -15.86 -2.77 -13.12
C SER A 216 -16.61 -1.58 -13.73
N ASN A 217 -15.92 -0.47 -14.01
CA ASN A 217 -16.53 0.70 -14.65
C ASN A 217 -17.74 1.20 -13.87
N THR A 218 -17.63 1.20 -12.54
CA THR A 218 -18.72 1.61 -11.67
C THR A 218 -18.37 2.94 -11.01
N LYS A 219 -19.02 4.00 -11.45
CA LYS A 219 -19.00 5.29 -10.76
C LYS A 219 -20.29 5.43 -9.97
N VAL A 220 -20.18 5.75 -8.68
CA VAL A 220 -21.36 5.95 -7.83
C VAL A 220 -21.19 7.24 -7.04
N ASP A 221 -22.19 8.11 -7.14
CA ASP A 221 -22.25 9.36 -6.37
C ASP A 221 -23.43 9.24 -5.41
N LYS A 222 -23.14 9.09 -4.12
CA LYS A 222 -24.19 8.97 -3.12
C LYS A 222 -24.11 10.15 -2.16
N ARG A 223 -25.26 10.77 -1.91
CA ARG A 223 -25.32 11.89 -0.97
C ARG A 223 -25.72 11.38 0.40
N VAL A 224 -25.02 11.85 1.42
CA VAL A 224 -25.20 11.40 2.79
C VAL A 224 -26.17 12.37 3.47
N GLU A 225 -27.36 11.89 3.79
CA GLU A 225 -28.41 12.68 4.41
C GLU A 225 -28.43 12.48 5.92
N PRO A 226 -28.53 13.53 6.71
CA PRO A 226 -28.89 13.35 8.11
C PRO A 226 -30.30 12.76 8.23
N LYS A 227 -30.53 12.05 9.33
CA LYS A 227 -31.79 11.33 9.48
C LYS A 227 -32.61 11.83 10.68
N GLN B 1 23.86 -18.02 -8.12
CA GLN B 1 24.83 -17.98 -7.04
C GLN B 1 24.64 -16.77 -6.13
N LEU B 2 24.60 -15.59 -6.74
CA LEU B 2 24.56 -14.34 -5.98
C LEU B 2 23.32 -14.29 -5.08
N VAL B 3 23.56 -14.18 -3.79
CA VAL B 3 22.49 -14.04 -2.79
C VAL B 3 23.04 -13.22 -1.63
N LEU B 4 22.30 -12.19 -1.24
CA LEU B 4 22.67 -11.36 -0.11
C LEU B 4 21.62 -11.49 0.98
N THR B 5 22.07 -11.46 2.23
CA THR B 5 21.19 -11.56 3.39
C THR B 5 21.16 -10.22 4.12
N GLN B 6 20.11 -10.01 4.91
CA GLN B 6 19.91 -8.75 5.60
C GLN B 6 19.72 -8.96 7.09
N SER B 7 19.78 -7.85 7.82
CA SER B 7 19.69 -7.84 9.26
C SER B 7 18.23 -7.95 9.71
N PRO B 8 17.99 -8.42 10.95
CA PRO B 8 16.63 -8.38 11.50
C PRO B 8 16.11 -6.96 11.66
N SER B 9 14.87 -6.82 12.12
CA SER B 9 14.26 -5.50 12.27
C SER B 9 15.11 -4.59 13.16
N ALA B 10 15.04 -3.30 12.88
CA ALA B 10 15.80 -2.29 13.59
C ALA B 10 14.88 -1.44 14.45
N SER B 11 15.41 -0.97 15.58
CA SER B 11 14.64 -0.16 16.51
C SER B 11 15.58 0.82 17.21
N ALA B 12 15.22 2.09 17.19
CA ALA B 12 16.01 3.13 17.83
C ALA B 12 15.10 4.23 18.31
N SER B 13 15.54 4.96 19.34
CA SER B 13 14.80 6.11 19.82
C SER B 13 14.77 7.20 18.74
N LEU B 14 13.87 8.15 18.93
CA LEU B 14 13.76 9.24 17.96
C LEU B 14 15.04 10.09 18.01
N GLY B 15 15.67 10.24 16.85
CA GLY B 15 16.90 11.00 16.72
C GLY B 15 18.17 10.24 17.06
N ALA B 16 18.05 9.01 17.55
CA ALA B 16 19.23 8.18 17.77
C ALA B 16 19.67 7.55 16.45
N SER B 17 20.90 7.05 16.44
CA SER B 17 21.43 6.42 15.25
C SER B 17 20.90 5.00 15.11
N VAL B 18 20.97 4.50 13.88
CA VAL B 18 20.64 3.11 13.57
C VAL B 18 21.51 2.69 12.39
N LYS B 19 21.79 1.39 12.29
CA LYS B 19 22.76 0.90 11.32
C LYS B 19 22.28 -0.45 10.80
N LEU B 20 22.01 -0.52 9.50
CA LEU B 20 21.50 -1.72 8.85
C LEU B 20 22.59 -2.37 8.00
N THR B 21 22.55 -3.69 7.94
CA THR B 21 23.59 -4.49 7.29
C THR B 21 23.03 -5.28 6.12
N CYS B 22 23.81 -5.36 5.05
CA CYS B 22 23.51 -6.17 3.88
C CYS B 22 24.78 -6.97 3.57
N THR B 23 24.67 -8.29 3.58
CA THR B 23 25.83 -9.17 3.55
C THR B 23 25.84 -9.95 2.24
N LEU B 24 26.90 -9.78 1.48
CA LEU B 24 27.12 -10.55 0.26
C LEU B 24 27.65 -11.94 0.60
N ASN B 25 27.39 -12.89 -0.30
CA ASN B 25 27.80 -14.27 -0.09
C ASN B 25 29.22 -14.48 -0.61
N SER B 26 29.68 -15.74 -0.56
CA SER B 26 31.03 -16.06 -0.97
C SER B 26 31.20 -15.86 -2.47
N GLY B 27 32.40 -15.42 -2.86
CA GLY B 27 32.71 -15.19 -4.26
C GLY B 27 32.20 -13.89 -4.83
N ASN B 28 31.29 -13.22 -4.14
CA ASN B 28 30.76 -11.92 -4.59
C ASN B 28 31.06 -10.82 -3.58
N THR B 29 32.09 -11.00 -2.75
CA THR B 29 32.37 -10.07 -1.66
C THR B 29 32.75 -8.68 -2.16
N ASN B 30 33.17 -8.55 -3.42
CA ASN B 30 33.61 -7.28 -3.97
C ASN B 30 32.49 -6.52 -4.65
N PHE B 31 31.24 -6.97 -4.53
CA PHE B 31 30.15 -6.36 -5.27
C PHE B 31 29.68 -5.07 -4.62
N ALA B 32 29.08 -4.21 -5.43
CA ALA B 32 28.41 -3.02 -4.95
C ALA B 32 26.96 -3.31 -4.63
N VAL B 33 26.42 -2.59 -3.64
CA VAL B 33 25.00 -2.71 -3.34
C VAL B 33 24.36 -1.33 -3.36
N ALA B 34 23.06 -1.31 -3.63
CA ALA B 34 22.24 -0.12 -3.55
C ALA B 34 21.17 -0.32 -2.48
N TRP B 35 20.75 0.77 -1.86
CA TRP B 35 19.71 0.73 -0.85
C TRP B 35 18.46 1.44 -1.37
N HIS B 36 17.30 0.88 -1.04
CA HIS B 36 16.03 1.44 -1.44
C HIS B 36 15.11 1.47 -0.23
N GLN B 37 14.44 2.60 -0.05
CA GLN B 37 13.57 2.83 1.10
C GLN B 37 12.12 2.84 0.63
N GLN B 38 11.33 1.92 1.16
CA GLN B 38 9.89 1.89 0.95
C GLN B 38 9.26 2.30 2.28
N GLN B 39 8.89 3.57 2.38
CA GLN B 39 8.09 4.02 3.51
C GLN B 39 6.72 3.33 3.48
N ALA B 40 6.06 3.32 4.63
CA ALA B 40 4.79 2.63 4.76
C ALA B 40 3.79 3.12 3.72
N GLY B 41 3.23 2.17 2.96
CA GLY B 41 2.18 2.47 2.01
C GLY B 41 2.58 3.34 0.84
N LYS B 42 3.85 3.33 0.44
CA LYS B 42 4.31 4.07 -0.72
C LYS B 42 5.25 3.18 -1.53
N GLY B 43 5.60 3.65 -2.72
CA GLY B 43 6.54 2.95 -3.56
C GLY B 43 7.97 3.16 -3.09
N PRO B 44 8.86 2.26 -3.50
CA PRO B 44 10.27 2.40 -3.10
C PRO B 44 10.93 3.55 -3.84
N ARG B 45 11.93 4.13 -3.19
CA ARG B 45 12.77 5.12 -3.82
C ARG B 45 14.22 4.72 -3.60
N TYR B 46 15.07 5.13 -4.54
CA TYR B 46 16.50 4.84 -4.46
C TYR B 46 17.16 5.73 -3.44
N LEU B 47 17.92 5.12 -2.53
CA LEU B 47 18.64 5.88 -1.51
C LEU B 47 20.07 6.18 -1.92
N MET B 48 20.93 5.16 -1.91
CA MET B 48 22.34 5.38 -2.21
C MET B 48 22.97 4.08 -2.67
N THR B 49 24.12 4.21 -3.32
CA THR B 49 24.88 3.05 -3.76
C THR B 49 26.25 3.09 -3.10
N ILE B 50 26.58 2.05 -2.34
CA ILE B 50 27.93 1.93 -1.80
C ILE B 50 28.57 0.69 -2.39
N ASN B 51 29.89 0.76 -2.60
CA ASN B 51 30.65 -0.32 -3.20
C ASN B 51 31.89 -0.61 -2.36
N SER B 52 32.57 -1.70 -2.74
CA SER B 52 33.62 -2.29 -1.91
C SER B 52 34.70 -1.26 -1.54
N ASP B 53 35.17 -0.50 -2.53
CA ASP B 53 36.30 0.40 -2.31
C ASP B 53 35.96 1.59 -1.42
N GLY B 54 34.68 1.92 -1.24
CA GLY B 54 34.33 2.97 -0.29
C GLY B 54 33.46 4.07 -0.87
N ARG B 55 33.31 4.08 -2.19
CA ARG B 55 32.52 5.12 -2.84
C ARG B 55 31.07 5.06 -2.40
N GLN B 56 30.46 6.24 -2.23
CA GLN B 56 29.03 6.36 -2.01
C GLN B 56 28.45 7.20 -3.13
N SER B 57 27.43 6.68 -3.79
CA SER B 57 26.63 7.47 -4.72
C SER B 57 25.23 7.57 -4.13
N ARG B 58 24.79 8.80 -3.89
CA ARG B 58 23.47 9.04 -3.31
C ARG B 58 22.51 9.52 -4.39
N GLY B 59 21.22 9.48 -4.05
CA GLY B 59 20.17 9.97 -4.92
C GLY B 59 19.78 11.38 -4.52
N ASP B 60 19.54 12.22 -5.53
CA ASP B 60 19.13 13.59 -5.26
C ASP B 60 17.77 13.60 -4.56
N GLY B 61 17.69 14.39 -3.48
CA GLY B 61 16.46 14.58 -2.73
C GLY B 61 16.49 13.92 -1.37
N ILE B 62 17.31 12.90 -1.20
CA ILE B 62 17.38 12.18 0.07
C ILE B 62 18.01 13.09 1.11
N PRO B 63 17.62 13.00 2.37
CA PRO B 63 18.32 13.76 3.42
C PRO B 63 19.74 13.26 3.58
N ASP B 64 20.60 14.15 4.09
CA ASP B 64 22.01 13.85 4.24
C ASP B 64 22.35 13.16 5.54
N ARG B 65 21.35 12.73 6.30
CA ARG B 65 21.60 11.90 7.48
C ARG B 65 21.78 10.43 7.14
N PHE B 66 21.64 10.05 5.86
CA PHE B 66 21.91 8.70 5.41
C PHE B 66 23.36 8.60 4.96
N SER B 67 24.06 7.54 5.38
CA SER B 67 25.41 7.30 4.91
C SER B 67 25.63 5.81 4.75
N GLY B 68 26.74 5.45 4.10
CA GLY B 68 27.04 4.06 3.84
C GLY B 68 28.49 3.73 4.15
N SER B 69 28.71 2.49 4.57
CA SER B 69 30.05 2.04 4.95
C SER B 69 30.26 0.60 4.49
N THR B 70 31.53 0.22 4.39
CA THR B 70 31.91 -1.09 3.87
C THR B 70 32.87 -1.77 4.83
N SER B 71 32.69 -3.08 5.01
CA SER B 71 33.65 -3.93 5.72
C SER B 71 33.63 -5.28 5.03
N GLY B 72 34.65 -5.54 4.22
CA GLY B 72 34.77 -6.80 3.49
C GLY B 72 33.59 -7.11 2.60
N ALA B 73 32.74 -8.03 3.05
CA ALA B 73 31.52 -8.41 2.33
C ALA B 73 30.28 -7.92 3.08
N ASP B 74 30.37 -6.72 3.64
CA ASP B 74 29.36 -6.23 4.58
C ASP B 74 29.11 -4.76 4.29
N ARG B 75 27.91 -4.43 3.82
CA ARG B 75 27.56 -3.06 3.41
C ARG B 75 26.53 -2.51 4.39
N TYR B 76 26.85 -1.36 5.00
CA TYR B 76 26.01 -0.77 6.02
C TYR B 76 25.38 0.53 5.53
N LEU B 77 24.10 0.70 5.86
CA LEU B 77 23.39 1.98 5.74
C LEU B 77 23.10 2.51 7.14
N THR B 78 23.71 3.65 7.47
CA THR B 78 23.57 4.26 8.77
C THR B 78 22.67 5.49 8.67
N ILE B 79 21.68 5.55 9.56
CA ILE B 79 20.82 6.71 9.74
C ILE B 79 21.17 7.30 11.10
N SER B 80 22.03 8.31 11.10
CA SER B 80 22.12 9.18 12.26
C SER B 80 20.89 10.07 12.29
N SER B 81 20.38 10.35 13.49
CA SER B 81 19.13 11.08 13.68
C SER B 81 17.97 10.36 13.00
N LEU B 82 17.27 9.50 13.73
CA LEU B 82 16.18 8.70 13.18
C LEU B 82 14.86 9.46 13.33
N HIS B 83 14.19 9.69 12.21
CA HIS B 83 12.93 10.44 12.17
C HIS B 83 11.78 9.49 11.88
N PHE B 84 10.56 10.05 11.90
CA PHE B 84 9.41 9.27 11.48
C PHE B 84 9.38 9.10 9.97
N GLU B 85 9.92 10.07 9.24
CA GLU B 85 10.07 9.91 7.80
C GLU B 85 10.87 8.67 7.46
N ASP B 86 11.82 8.31 8.33
CA ASP B 86 12.76 7.24 8.07
C ASP B 86 12.21 5.85 8.40
N GLU B 87 10.99 5.75 8.94
CA GLU B 87 10.42 4.45 9.24
C GLU B 87 10.02 3.74 7.95
N GLY B 88 10.16 2.43 7.92
CA GLY B 88 9.73 1.67 6.76
C GLY B 88 10.67 0.51 6.47
N ASP B 89 10.51 -0.07 5.29
CA ASP B 89 11.27 -1.24 4.87
C ASP B 89 12.39 -0.85 3.93
N TYR B 90 13.60 -1.27 4.24
CA TYR B 90 14.78 -0.97 3.44
C TYR B 90 15.30 -2.26 2.81
N TYR B 91 15.46 -2.22 1.49
CA TYR B 91 15.95 -3.36 0.72
C TYR B 91 17.29 -3.01 0.10
N CYS B 92 18.15 -4.01 -0.05
CA CYS B 92 19.40 -3.80 -0.76
C CYS B 92 19.42 -4.64 -2.03
N GLN B 93 20.07 -4.08 -3.04
CA GLN B 93 20.05 -4.58 -4.41
C GLN B 93 21.48 -4.80 -4.90
N ALA B 94 21.69 -5.94 -5.55
CA ALA B 94 22.95 -6.28 -6.20
C ALA B 94 22.65 -6.72 -7.64
N TRP B 95 23.65 -6.57 -8.50
CA TRP B 95 23.46 -6.82 -9.92
C TRP B 95 24.74 -7.40 -10.51
N THR B 96 24.58 -8.13 -11.61
CA THR B 96 25.74 -8.74 -12.25
C THR B 96 25.67 -8.66 -13.78
N ALA B 97 24.90 -7.70 -14.33
CA ALA B 97 24.72 -7.52 -15.77
C ALA B 97 23.96 -8.67 -16.43
N ASP B 98 23.75 -9.76 -15.70
CA ASP B 98 22.91 -10.85 -16.17
C ASP B 98 21.71 -11.12 -15.26
N LEU B 99 21.62 -10.46 -14.12
CA LEU B 99 20.50 -10.64 -13.20
C LEU B 99 20.58 -9.58 -12.11
N HIS B 100 19.50 -9.48 -11.34
CA HIS B 100 19.43 -8.63 -10.15
C HIS B 100 18.95 -9.47 -8.97
N VAL B 101 19.34 -9.04 -7.78
CA VAL B 101 19.03 -9.75 -6.54
C VAL B 101 18.69 -8.72 -5.47
N PHE B 102 17.58 -8.93 -4.79
CA PHE B 102 17.13 -8.04 -3.72
C PHE B 102 17.30 -8.71 -2.36
N GLY B 103 17.21 -7.91 -1.32
CA GLY B 103 17.35 -8.39 0.03
C GLY B 103 16.03 -8.80 0.64
N PRO B 104 16.08 -9.55 1.74
CA PRO B 104 14.84 -9.91 2.44
C PRO B 104 14.05 -8.70 2.92
N GLY B 105 14.72 -7.58 3.17
CA GLY B 105 14.07 -6.40 3.68
C GLY B 105 14.21 -6.25 5.17
N THR B 106 14.63 -5.07 5.62
CA THR B 106 14.81 -4.77 7.04
C THR B 106 13.89 -3.62 7.41
N ARG B 107 13.16 -3.76 8.52
CA ARG B 107 12.23 -2.70 8.90
C ARG B 107 12.81 -1.84 10.01
N VAL B 108 12.64 -0.53 9.85
CA VAL B 108 13.10 0.47 10.78
C VAL B 108 11.88 1.17 11.38
N ALA B 109 11.84 1.21 12.71
CA ALA B 109 10.75 1.80 13.46
C ALA B 109 11.30 2.44 14.74
N VAL B 110 10.71 3.57 15.13
CA VAL B 110 11.14 4.23 16.36
C VAL B 110 10.65 3.43 17.57
N VAL B 111 11.27 3.70 18.72
CA VAL B 111 10.90 3.04 19.96
C VAL B 111 11.00 4.08 21.09
N GLY B 112 10.16 3.91 22.11
CA GLY B 112 10.17 4.80 23.25
C GLY B 112 9.40 6.09 23.07
N GLN B 113 8.67 6.22 22.00
CA GLN B 113 7.94 7.44 21.74
C GLN B 113 6.60 7.44 22.49
N PRO B 114 6.12 8.64 22.91
CA PRO B 114 4.83 8.77 23.60
C PRO B 114 3.66 7.95 23.06
N LYS B 115 2.71 7.61 23.92
CA LYS B 115 1.61 6.72 23.57
C LYS B 115 0.38 7.55 23.19
N ALA B 116 -0.22 7.24 22.05
CA ALA B 116 -1.33 8.02 21.51
C ALA B 116 -2.59 7.15 21.44
N ALA B 117 -3.66 7.62 22.05
CA ALA B 117 -4.91 6.89 22.19
C ALA B 117 -5.75 6.97 20.91
N PRO B 118 -6.57 5.96 20.65
CA PRO B 118 -7.37 5.95 19.42
C PRO B 118 -8.71 6.64 19.56
N SER B 119 -9.17 7.18 18.43
CA SER B 119 -10.52 7.70 18.29
C SER B 119 -11.36 6.67 17.55
N VAL B 120 -12.54 6.37 18.08
CA VAL B 120 -13.39 5.31 17.57
C VAL B 120 -14.71 5.90 17.09
N THR B 121 -15.17 5.44 15.92
CA THR B 121 -16.43 5.87 15.34
C THR B 121 -17.25 4.65 14.96
N LEU B 122 -18.51 4.61 15.41
CA LEU B 122 -19.39 3.48 15.16
C LEU B 122 -20.58 3.92 14.30
N PHE B 123 -20.79 3.23 13.19
CA PHE B 123 -21.89 3.52 12.28
C PHE B 123 -22.83 2.34 12.24
N PRO B 124 -24.11 2.54 12.54
CA PRO B 124 -25.12 1.49 12.42
C PRO B 124 -25.47 1.27 10.96
N PRO B 125 -26.28 0.26 10.63
CA PRO B 125 -26.60 0.02 9.21
C PRO B 125 -27.43 1.15 8.65
N SER B 126 -27.08 1.56 7.43
CA SER B 126 -27.89 2.53 6.70
C SER B 126 -29.26 1.93 6.40
N SER B 127 -30.25 2.81 6.31
CA SER B 127 -31.59 2.35 5.96
C SER B 127 -31.62 1.78 4.55
N GLU B 128 -30.73 2.23 3.68
CA GLU B 128 -30.64 1.66 2.33
C GLU B 128 -30.20 0.21 2.39
N GLU B 129 -29.16 -0.09 3.18
CA GLU B 129 -28.74 -1.47 3.34
C GLU B 129 -29.78 -2.29 4.08
N LEU B 130 -30.49 -1.71 5.04
CA LEU B 130 -31.56 -2.44 5.74
C LEU B 130 -32.67 -2.83 4.76
N GLN B 131 -33.08 -1.90 3.89
CA GLN B 131 -34.05 -2.22 2.87
C GLN B 131 -33.54 -3.32 1.95
N ALA B 132 -32.23 -3.40 1.75
CA ALA B 132 -31.62 -4.44 0.93
C ALA B 132 -31.47 -5.76 1.68
N ASN B 133 -32.18 -5.93 2.80
CA ASN B 133 -32.13 -7.16 3.61
C ASN B 133 -30.69 -7.47 4.03
N LYS B 134 -29.94 -6.44 4.42
CA LYS B 134 -28.56 -6.58 4.85
C LYS B 134 -28.29 -5.58 5.96
N ALA B 135 -27.25 -5.86 6.75
CA ALA B 135 -26.92 -4.98 7.87
C ALA B 135 -25.44 -5.13 8.18
N THR B 136 -24.71 -4.02 8.14
CA THR B 136 -23.29 -3.98 8.46
C THR B 136 -23.03 -2.86 9.44
N LEU B 137 -22.33 -3.17 10.53
CA LEU B 137 -21.89 -2.19 11.50
C LEU B 137 -20.43 -1.85 11.23
N VAL B 138 -20.13 -0.56 11.17
CA VAL B 138 -18.81 -0.07 10.72
C VAL B 138 -18.12 0.60 11.89
N CYS B 139 -17.03 0.00 12.37
CA CYS B 139 -16.24 0.55 13.46
C CYS B 139 -14.92 1.04 12.87
N LEU B 140 -14.62 2.32 13.07
CA LEU B 140 -13.47 2.96 12.43
C LEU B 140 -12.58 3.55 13.52
N ILE B 141 -11.36 3.02 13.62
CA ILE B 141 -10.42 3.36 14.68
C ILE B 141 -9.25 4.07 14.02
N SER B 142 -8.86 5.23 14.56
CA SER B 142 -7.83 6.03 13.89
C SER B 142 -7.04 6.85 14.90
N ASP B 143 -5.88 7.32 14.43
CA ASP B 143 -5.03 8.25 15.18
C ASP B 143 -4.49 7.66 16.48
N PHE B 144 -4.00 6.42 16.42
CA PHE B 144 -3.42 5.78 17.59
C PHE B 144 -1.99 5.35 17.33
N TYR B 145 -1.21 5.25 18.41
CA TYR B 145 0.17 4.85 18.39
C TYR B 145 0.45 4.11 19.68
N PRO B 146 1.12 2.95 19.64
CA PRO B 146 1.60 2.27 18.43
C PRO B 146 0.48 1.55 17.68
N GLY B 147 0.79 0.99 16.51
CA GLY B 147 -0.19 0.29 15.70
C GLY B 147 -0.48 -1.12 16.15
N ALA B 148 -1.03 -1.27 17.35
CA ALA B 148 -1.39 -2.58 17.88
C ALA B 148 -2.68 -2.41 18.67
N VAL B 149 -3.77 -2.98 18.16
CA VAL B 149 -5.09 -2.82 18.74
C VAL B 149 -5.84 -4.15 18.67
N THR B 150 -6.77 -4.35 19.59
CA THR B 150 -7.60 -5.56 19.59
C THR B 150 -9.07 -5.16 19.70
N VAL B 151 -9.91 -5.79 18.87
CA VAL B 151 -11.31 -5.41 18.74
C VAL B 151 -12.20 -6.57 19.16
N ALA B 152 -13.29 -6.24 19.85
CA ALA B 152 -14.35 -7.18 20.19
C ALA B 152 -15.70 -6.56 19.85
N TRP B 153 -16.71 -7.39 19.70
CA TRP B 153 -18.05 -6.92 19.41
C TRP B 153 -19.03 -7.50 20.40
N LYS B 154 -20.14 -6.79 20.63
CA LYS B 154 -21.11 -7.19 21.64
C LYS B 154 -22.53 -6.94 21.14
N ALA B 155 -23.38 -7.96 21.27
CA ALA B 155 -24.82 -7.81 21.13
C ALA B 155 -25.39 -7.66 22.54
N ASP B 156 -26.00 -6.50 22.80
CA ASP B 156 -26.39 -6.13 24.17
C ASP B 156 -25.18 -6.25 25.09
N SER B 157 -25.23 -7.20 26.02
CA SER B 157 -24.11 -7.42 26.92
C SER B 157 -23.26 -8.63 26.55
N SER B 158 -23.73 -9.50 25.65
CA SER B 158 -23.05 -10.75 25.34
C SER B 158 -22.11 -10.57 24.15
N PRO B 159 -20.90 -11.11 24.21
CA PRO B 159 -19.95 -10.92 23.10
C PRO B 159 -20.37 -11.70 21.85
N VAL B 160 -19.85 -11.24 20.71
CA VAL B 160 -20.19 -11.79 19.41
C VAL B 160 -18.90 -11.98 18.62
N LYS B 161 -18.76 -13.14 17.97
CA LYS B 161 -17.63 -13.41 17.10
C LYS B 161 -18.01 -13.78 15.68
N ALA B 162 -19.27 -14.14 15.42
CA ALA B 162 -19.71 -14.50 14.07
C ALA B 162 -20.05 -13.24 13.28
N GLY B 163 -19.37 -13.04 12.16
CA GLY B 163 -19.59 -11.89 11.31
C GLY B 163 -18.54 -10.80 11.42
N VAL B 164 -17.50 -11.01 12.21
CA VAL B 164 -16.49 -9.98 12.45
C VAL B 164 -15.41 -10.08 11.39
N GLU B 165 -15.10 -8.96 10.75
CA GLU B 165 -13.96 -8.85 9.84
C GLU B 165 -13.16 -7.61 10.26
N THR B 166 -11.99 -7.83 10.86
CA THR B 166 -11.16 -6.74 11.34
C THR B 166 -9.86 -6.69 10.53
N THR B 167 -9.45 -5.49 10.15
CA THR B 167 -8.24 -5.31 9.36
C THR B 167 -7.01 -5.20 10.26
N THR B 168 -5.84 -5.31 9.63
CA THR B 168 -4.65 -5.02 10.42
C THR B 168 -4.32 -3.53 10.35
N PRO B 169 -3.85 -2.94 11.45
CA PRO B 169 -3.55 -1.50 11.43
C PRO B 169 -2.46 -1.17 10.42
N SER B 170 -2.50 0.06 9.94
CA SER B 170 -1.53 0.55 8.98
C SER B 170 -1.28 2.02 9.23
N LYS B 171 -0.06 2.47 8.93
CA LYS B 171 0.28 3.88 9.10
C LYS B 171 -0.60 4.75 8.22
N GLN B 172 -0.87 5.96 8.71
CA GLN B 172 -1.59 6.96 7.95
C GLN B 172 -0.69 8.20 7.80
N SER B 173 -1.30 9.29 7.33
CA SER B 173 -0.54 10.44 6.90
C SER B 173 0.29 11.03 8.04
N ASN B 174 -0.29 11.11 9.24
CA ASN B 174 0.34 11.77 10.38
C ASN B 174 1.18 10.83 11.23
N ASN B 175 1.74 9.79 10.63
CA ASN B 175 2.64 8.83 11.28
C ASN B 175 1.97 8.08 12.42
N LYS B 176 0.65 8.18 12.56
CA LYS B 176 -0.10 7.35 13.49
C LYS B 176 -0.80 6.25 12.69
N TYR B 177 -1.69 5.50 13.33
CA TYR B 177 -2.21 4.29 12.73
C TYR B 177 -3.74 4.29 12.69
N ALA B 178 -4.28 3.42 11.83
CA ALA B 178 -5.72 3.33 11.66
C ALA B 178 -6.09 1.89 11.31
N ALA B 179 -7.31 1.51 11.66
CA ALA B 179 -7.85 0.21 11.34
C ALA B 179 -9.38 0.32 11.32
N SER B 180 -10.03 -0.76 10.90
CA SER B 180 -11.49 -0.79 10.83
C SER B 180 -11.96 -2.22 11.09
N SER B 181 -13.18 -2.32 11.57
CA SER B 181 -13.83 -3.60 11.83
C SER B 181 -15.26 -3.54 11.32
N TYR B 182 -15.70 -4.61 10.69
CA TYR B 182 -17.02 -4.68 10.09
C TYR B 182 -17.76 -5.87 10.66
N LEU B 183 -18.95 -5.63 11.21
CA LEU B 183 -19.78 -6.69 11.77
C LEU B 183 -20.97 -6.89 10.85
N SER B 184 -21.03 -8.05 10.20
CA SER B 184 -22.14 -8.40 9.33
C SER B 184 -23.19 -9.18 10.11
N LEU B 185 -24.46 -8.86 9.85
CA LEU B 185 -25.56 -9.50 10.56
C LEU B 185 -26.85 -9.24 9.79
N THR B 186 -27.86 -10.04 10.10
CA THR B 186 -29.15 -9.88 9.47
C THR B 186 -29.88 -8.67 10.06
N PRO B 187 -30.77 -8.04 9.29
CA PRO B 187 -31.54 -6.92 9.86
C PRO B 187 -32.43 -7.36 11.01
N GLU B 188 -32.86 -8.63 11.03
CA GLU B 188 -33.63 -9.15 12.16
C GLU B 188 -32.79 -9.16 13.43
N GLN B 189 -31.52 -9.60 13.34
CA GLN B 189 -30.62 -9.53 14.49
C GLN B 189 -30.44 -8.09 14.95
N TRP B 190 -30.24 -7.18 14.00
CA TRP B 190 -30.04 -5.76 14.34
C TRP B 190 -31.23 -5.21 15.10
N LYS B 191 -32.44 -5.52 14.65
CA LYS B 191 -33.64 -4.95 15.27
C LYS B 191 -34.04 -5.66 16.55
N SER B 192 -33.51 -6.86 16.80
CA SER B 192 -33.93 -7.63 17.96
C SER B 192 -33.14 -7.30 19.23
N HIS B 193 -31.93 -6.75 19.11
CA HIS B 193 -31.12 -6.45 20.27
C HIS B 193 -31.25 -4.99 20.66
N ARG B 194 -31.10 -4.72 21.96
CA ARG B 194 -31.19 -3.34 22.45
C ARG B 194 -30.09 -2.47 21.83
N SER B 195 -28.84 -2.95 21.88
CA SER B 195 -27.73 -2.18 21.35
C SER B 195 -26.63 -3.14 20.89
N TYR B 196 -25.82 -2.63 19.97
CA TYR B 196 -24.62 -3.30 19.53
C TYR B 196 -23.41 -2.41 19.82
N SER B 197 -22.30 -3.04 20.17
CA SER B 197 -21.14 -2.30 20.67
C SER B 197 -19.85 -2.81 20.05
N CYS B 198 -18.96 -1.86 19.74
CA CYS B 198 -17.60 -2.12 19.29
C CYS B 198 -16.64 -1.72 20.39
N GLN B 199 -15.84 -2.68 20.86
CA GLN B 199 -14.94 -2.50 21.98
C GLN B 199 -13.50 -2.55 21.48
N VAL B 200 -12.73 -1.51 21.79
CA VAL B 200 -11.40 -1.30 21.23
C VAL B 200 -10.41 -1.23 22.38
N THR B 201 -9.45 -2.16 22.41
CA THR B 201 -8.43 -2.23 23.44
C THR B 201 -7.08 -1.86 22.85
N HIS B 202 -6.36 -0.98 23.54
CA HIS B 202 -5.09 -0.43 23.04
C HIS B 202 -4.26 0.02 24.23
N GLU B 203 -3.08 -0.58 24.39
CA GLU B 203 -2.14 -0.19 25.46
C GLU B 203 -2.82 -0.14 26.82
N GLY B 204 -3.66 -1.13 27.08
CA GLY B 204 -4.40 -1.23 28.33
C GLY B 204 -5.75 -0.53 28.33
N SER B 205 -5.85 0.61 27.66
CA SER B 205 -7.10 1.35 27.62
C SER B 205 -8.12 0.60 26.77
N THR B 206 -9.27 0.30 27.36
CA THR B 206 -10.37 -0.34 26.64
C THR B 206 -11.53 0.65 26.58
N VAL B 207 -11.88 1.08 25.37
CA VAL B 207 -12.99 1.99 25.16
C VAL B 207 -14.05 1.29 24.34
N GLU B 208 -15.23 1.91 24.25
CA GLU B 208 -16.36 1.24 23.61
C GLU B 208 -17.28 2.27 22.97
N LYS B 209 -17.74 1.97 21.75
CA LYS B 209 -18.78 2.74 21.08
C LYS B 209 -20.03 1.88 20.92
N THR B 210 -21.20 2.50 21.05
CA THR B 210 -22.45 1.75 21.12
C THR B 210 -23.50 2.43 20.25
N VAL B 211 -24.21 1.64 19.45
CA VAL B 211 -25.32 2.14 18.65
C VAL B 211 -26.54 1.26 18.89
N ALA B 212 -27.71 1.77 18.52
CA ALA B 212 -28.98 1.10 18.75
C ALA B 212 -29.91 1.37 17.58
N PRO B 213 -30.81 0.42 17.29
CA PRO B 213 -31.83 0.69 16.26
C PRO B 213 -32.74 1.83 16.67
N THR B 214 -33.01 2.71 15.71
CA THR B 214 -33.84 3.88 15.97
C THR B 214 -35.23 3.72 15.35
C1 NAG C . 31.72 5.42 -21.97
C2 NAG C . 30.31 5.21 -21.45
C3 NAG C . 29.34 4.89 -22.59
C4 NAG C . 29.92 5.25 -23.96
C5 NAG C . 31.29 4.61 -24.17
C6 NAG C . 32.18 5.41 -25.09
C7 NAG C . 29.68 4.25 -19.29
C8 NAG C . 29.72 3.04 -18.42
N2 NAG C . 30.29 4.14 -20.47
O3 NAG C . 28.13 5.61 -22.36
O4 NAG C . 29.05 4.72 -24.95
O5 NAG C . 32.01 4.45 -22.94
O6 NAG C . 31.43 6.02 -26.13
O7 NAG C . 29.13 5.29 -18.94
C1 NAG C . 28.11 5.65 -25.53
C2 NAG C . 27.66 5.03 -26.83
C3 NAG C . 26.63 5.91 -27.52
C4 NAG C . 25.50 6.29 -26.58
C5 NAG C . 26.05 6.81 -25.26
C6 NAG C . 24.96 6.99 -24.22
C7 NAG C . 29.17 3.54 -28.08
C8 NAG C . 30.34 3.46 -28.99
N2 NAG C . 28.78 4.77 -27.71
O3 NAG C . 26.11 5.22 -28.65
O4 NAG C . 24.76 7.34 -27.18
O5 NAG C . 27.00 5.90 -24.71
O6 NAG C . 24.16 5.83 -24.13
O7 NAG C . 28.57 2.54 -27.69
C1 BMA C . 23.43 6.97 -27.60
C2 BMA C . 22.68 8.29 -27.81
C3 BMA C . 21.31 8.04 -28.45
C4 BMA C . 21.45 7.15 -29.68
C5 BMA C . 22.14 5.85 -29.28
C6 BMA C . 22.29 4.89 -30.43
O2 BMA C . 23.41 9.14 -28.70
O3 BMA C . 20.64 9.26 -28.77
O4 BMA C . 20.17 6.88 -30.25
O5 BMA C . 23.44 6.18 -28.78
O6 BMA C . 22.89 5.58 -31.52
C1 MAN C . 19.70 9.54 -27.72
C2 MAN C . 18.64 10.56 -28.26
C3 MAN C . 19.26 11.96 -28.42
C4 MAN C . 20.00 12.38 -27.13
C5 MAN C . 21.02 11.32 -26.74
C6 MAN C . 21.73 11.63 -25.44
O2 MAN C . 17.61 10.72 -27.28
O3 MAN C . 18.30 12.97 -28.80
O4 MAN C . 20.66 13.60 -27.34
O5 MAN C . 20.37 10.05 -26.57
O6 MAN C . 22.77 10.68 -25.26
C1 MAN C . 16.29 10.71 -27.86
C2 MAN C . 15.32 10.68 -26.64
C3 MAN C . 15.30 9.28 -26.00
C4 MAN C . 14.97 8.23 -27.05
C5 MAN C . 15.99 8.27 -28.18
C6 MAN C . 15.66 7.32 -29.32
O2 MAN C . 13.98 11.00 -27.01
O3 MAN C . 14.40 9.20 -24.91
O4 MAN C . 15.02 6.94 -26.44
O5 MAN C . 16.06 9.61 -28.75
O6 MAN C . 14.61 7.89 -30.08
C1 MAN C . 13.67 12.30 -26.46
C2 MAN C . 12.15 12.39 -26.28
C3 MAN C . 11.47 12.33 -27.64
C4 MAN C . 12.02 13.39 -28.59
C5 MAN C . 13.57 13.35 -28.66
C6 MAN C . 14.15 14.58 -29.33
O2 MAN C . 11.79 13.66 -25.73
O3 MAN C . 10.06 12.49 -27.51
O4 MAN C . 11.49 13.16 -29.89
O5 MAN C . 14.14 13.32 -27.32
O6 MAN C . 14.22 15.62 -28.35
C1 MAN C . 23.06 4.64 -32.61
C2 MAN C . 24.16 5.22 -33.52
C3 MAN C . 23.63 6.39 -34.35
C4 MAN C . 22.31 6.07 -35.01
C5 MAN C . 21.31 5.61 -33.95
C6 MAN C . 19.96 5.22 -34.51
O2 MAN C . 24.59 4.24 -34.47
O3 MAN C . 24.56 6.74 -35.35
O4 MAN C . 21.82 7.23 -35.64
O5 MAN C . 21.85 4.46 -33.31
O6 MAN C . 19.58 3.99 -33.91
C1 MAN C . 24.80 8.16 -35.35
C2 MAN C . 25.30 8.49 -36.78
C3 MAN C . 26.74 7.97 -36.99
C4 MAN C . 27.67 8.37 -35.83
C5 MAN C . 27.06 7.94 -34.49
C6 MAN C . 27.88 8.37 -33.29
O2 MAN C . 25.35 9.90 -37.01
O3 MAN C . 27.29 8.41 -38.24
O4 MAN C . 28.94 7.75 -35.99
O5 MAN C . 25.75 8.54 -34.36
O6 MAN C . 27.48 7.60 -32.16
C1 MAN C . 24.08 10.51 -36.73
C2 MAN C . 23.75 11.39 -37.90
C3 MAN C . 24.89 12.39 -38.08
C4 MAN C . 25.19 13.16 -36.78
C5 MAN C . 25.25 12.21 -35.55
C6 MAN C . 25.21 12.96 -34.23
O2 MAN C . 22.60 12.18 -37.62
O3 MAN C . 24.60 13.33 -39.11
O4 MAN C . 26.43 13.84 -36.94
O5 MAN C . 24.14 11.29 -35.57
O6 MAN C . 25.65 12.07 -33.20
C1 MAN C . 18.16 3.83 -34.10
C2 MAN C . 17.44 4.59 -32.92
C3 MAN C . 17.59 3.80 -31.63
C4 MAN C . 17.07 2.38 -31.84
C5 MAN C . 17.88 1.69 -32.95
C6 MAN C . 17.39 0.28 -33.24
O2 MAN C . 16.02 4.65 -33.14
O3 MAN C . 16.93 4.43 -30.53
O4 MAN C . 17.17 1.65 -30.63
O5 MAN C . 17.78 2.45 -34.17
O6 MAN C . 16.92 -0.29 -32.01
C1 MAN C . 15.64 5.96 -33.62
C2 MAN C . 14.12 6.09 -33.42
C3 MAN C . 13.37 5.15 -34.39
C4 MAN C . 13.87 5.32 -35.84
C5 MAN C . 15.39 5.14 -35.87
C6 MAN C . 15.99 5.33 -37.24
O2 MAN C . 13.66 7.41 -33.72
O3 MAN C . 11.98 5.36 -34.33
O4 MAN C . 13.26 4.35 -36.68
O5 MAN C . 16.00 6.10 -34.98
O6 MAN C . 17.35 4.88 -37.19
#